data_4OOB
#
_entry.id   4OOB
#
_cell.length_a   64.001
_cell.length_b   64.001
_cell.length_c   139.941
_cell.angle_alpha   90.000
_cell.angle_beta   90.000
_cell.angle_gamma   90.000
#
_symmetry.space_group_name_H-M   'P 43 21 2'
#
loop_
_entity.id
_entity.type
_entity.pdbx_description
1 polymer 'Uncharacterized protein HtdX'
2 non-polymer 'CHLORIDE ION'
3 water water
#
_entity_poly.entity_id   1
_entity_poly.type   'polypeptide(L)'
_entity_poly.pdbx_seq_one_letter_code
;HHHHHHGSNRTVTVEELPIDPANVAAYAAVTGLRYGNQVPLTYPFALTFPSVMSLVTGFDFPFAAMGAIHTENHITQYRP
IAVTDAVGVRVRAENLREHRRGLLVDLVTNVSVGNDVAWHQVTTFLHQQRTSLSGEPKPPPQKKPKLPPPAAVLRITPAK
IRRYAAVGGDHNPIHTNPIAAKLFGFPTVIAHGMFTAAAVLANIEARFPDAVRYSVRFAKPVLLPATAGLYVAEGDGGWD
LTLRNMAKGYPHLTATVRGL
;
_entity_poly.pdbx_strand_id   A
#
loop_
_chem_comp.id
_chem_comp.type
_chem_comp.name
_chem_comp.formula
CL non-polymer 'CHLORIDE ION' 'Cl -1'
#
# COMPACT_ATOMS: atom_id res chain seq x y z
N THR A 11 20.99 -0.03 -3.94
CA THR A 11 20.55 -1.40 -3.49
C THR A 11 20.72 -1.67 -1.98
N VAL A 12 19.67 -2.16 -1.31
CA VAL A 12 19.79 -2.71 0.06
C VAL A 12 19.47 -4.20 0.05
N THR A 13 20.10 -4.94 0.95
CA THR A 13 20.07 -6.39 0.94
C THR A 13 19.85 -6.89 2.36
N VAL A 14 18.91 -7.79 2.54
CA VAL A 14 18.71 -8.38 3.87
C VAL A 14 18.67 -9.89 3.71
N GLU A 15 19.67 -10.53 4.31
CA GLU A 15 19.96 -11.95 4.11
C GLU A 15 18.81 -12.85 4.46
N GLU A 16 18.34 -12.71 5.67
CA GLU A 16 17.34 -13.64 6.17
C GLU A 16 16.55 -12.87 7.17
N LEU A 17 15.29 -12.65 6.83
CA LEU A 17 14.40 -11.86 7.65
C LEU A 17 13.33 -12.83 8.13
N PRO A 18 13.26 -13.04 9.47
CA PRO A 18 12.22 -13.91 10.01
C PRO A 18 10.86 -13.21 9.99
N ILE A 19 9.81 -14.00 10.03
CA ILE A 19 8.46 -13.46 10.10
C ILE A 19 7.92 -13.78 11.48
N ASP A 20 7.52 -12.74 12.20
CA ASP A 20 6.78 -12.88 13.42
C ASP A 20 5.28 -13.14 13.19
N PRO A 21 4.82 -14.37 13.51
CA PRO A 21 3.42 -14.70 13.29
C PRO A 21 2.43 -13.78 14.01
N ALA A 22 2.83 -13.20 15.15
CA ALA A 22 1.96 -12.29 15.94
C ALA A 22 1.73 -10.99 15.16
N ASN A 23 2.74 -10.57 14.43
CA ASN A 23 2.66 -9.35 13.65
C ASN A 23 1.74 -9.59 12.45
N VAL A 24 1.86 -10.75 11.82
CA VAL A 24 0.94 -11.14 10.77
C VAL A 24 -0.51 -11.13 11.32
N ALA A 25 -0.73 -11.78 12.45
CA ALA A 25 -2.07 -11.87 13.06
C ALA A 25 -2.61 -10.49 13.33
N ALA A 26 -1.75 -9.63 13.85
CA ALA A 26 -2.18 -8.29 14.25
C ALA A 26 -2.55 -7.51 13.02
N TYR A 27 -1.77 -7.70 11.94
CA TYR A 27 -1.98 -7.07 10.62
C TYR A 27 -3.25 -7.57 9.97
N ALA A 28 -3.41 -8.88 9.92
CA ALA A 28 -4.65 -9.43 9.43
C ALA A 28 -5.82 -8.84 10.23
N ALA A 29 -5.72 -8.75 11.57
CA ALA A 29 -6.86 -8.21 12.35
C ALA A 29 -7.19 -6.76 12.00
N VAL A 30 -6.16 -5.93 11.97
CA VAL A 30 -6.40 -4.50 11.70
C VAL A 30 -6.91 -4.25 10.27
N THR A 31 -6.40 -5.00 9.27
CA THR A 31 -6.85 -4.84 7.88
C THR A 31 -8.16 -5.55 7.57
N GLY A 32 -8.63 -6.37 8.51
CA GLY A 32 -9.82 -7.20 8.31
C GLY A 32 -9.59 -8.36 7.36
N LEU A 33 -8.37 -8.87 7.31
CA LEU A 33 -8.01 -9.92 6.38
C LEU A 33 -7.84 -11.19 7.20
N ARG A 34 -7.66 -12.32 6.54
CA ARG A 34 -7.73 -13.61 7.19
C ARG A 34 -6.32 -13.98 7.67
N TYR A 35 -6.17 -14.38 8.92
CA TYR A 35 -4.93 -14.88 9.44
C TYR A 35 -4.93 -16.39 9.23
N GLY A 36 -3.88 -16.89 8.59
CA GLY A 36 -3.67 -18.30 8.35
C GLY A 36 -2.22 -18.69 8.09
N ASN A 37 -2.04 -19.87 7.49
CA ASN A 37 -0.67 -20.35 7.16
C ASN A 37 0.06 -19.46 6.18
N GLN A 38 -0.65 -18.88 5.20
CA GLN A 38 -0.05 -17.93 4.22
C GLN A 38 -0.22 -16.50 4.68
N VAL A 39 0.83 -15.68 4.57
CA VAL A 39 0.64 -14.26 4.82
C VAL A 39 -0.30 -13.71 3.75
N PRO A 40 -1.12 -12.72 4.12
CA PRO A 40 -1.91 -11.99 3.15
C PRO A 40 -1.07 -11.39 2.02
N LEU A 41 -1.65 -11.34 0.84
CA LEU A 41 -0.96 -10.90 -0.39
C LEU A 41 -0.19 -9.61 -0.21
N THR A 42 -0.78 -8.62 0.49
CA THR A 42 -0.16 -7.30 0.70
C THR A 42 0.81 -7.20 1.92
N TYR A 43 0.91 -8.26 2.72
CA TYR A 43 1.61 -8.17 4.00
C TYR A 43 3.12 -7.89 3.84
N PRO A 44 3.74 -8.43 2.78
CA PRO A 44 5.18 -8.22 2.65
C PRO A 44 5.52 -6.77 2.36
N PHE A 45 4.53 -5.94 2.03
CA PHE A 45 4.75 -4.51 2.04
C PHE A 45 5.16 -4.08 3.46
N ALA A 46 4.38 -4.44 4.45
CA ALA A 46 4.75 -4.02 5.84
C ALA A 46 6.08 -4.64 6.27
N LEU A 47 6.26 -5.90 5.96
CA LEU A 47 7.44 -6.60 6.42
C LEU A 47 8.75 -5.97 5.90
N THR A 48 8.74 -5.56 4.64
CA THR A 48 9.94 -5.05 3.96
C THR A 48 10.11 -3.56 4.11
N PHE A 49 9.10 -2.83 4.57
CA PHE A 49 9.12 -1.37 4.45
C PHE A 49 10.23 -0.68 5.22
N PRO A 50 10.49 -1.16 6.41
CA PRO A 50 11.63 -0.57 7.07
C PRO A 50 12.97 -0.80 6.32
N SER A 51 13.13 -1.93 5.61
CA SER A 51 14.30 -2.12 4.73
C SER A 51 14.27 -1.20 3.49
N VAL A 52 13.08 -0.97 2.99
CA VAL A 52 12.87 0.00 1.92
C VAL A 52 13.32 1.44 2.26
N MET A 53 12.82 1.98 3.37
CA MET A 53 13.23 3.29 3.87
C MET A 53 14.68 3.39 4.44
N SER A 54 15.34 2.27 4.72
CA SER A 54 16.73 2.33 5.10
C SER A 54 17.55 2.56 3.85
N LEU A 55 16.98 2.25 2.70
CA LEU A 55 17.66 2.57 1.47
C LEU A 55 17.63 4.07 1.20
N VAL A 56 16.54 4.74 1.53
CA VAL A 56 16.50 6.15 1.16
C VAL A 56 17.25 6.92 2.26
N THR A 57 17.09 6.47 3.50
CA THR A 57 17.70 7.17 4.62
C THR A 57 19.12 6.73 4.99
N GLY A 58 19.49 5.49 4.72
CA GLY A 58 20.74 4.92 5.23
C GLY A 58 20.64 4.32 6.61
N PHE A 59 19.54 4.54 7.34
CA PHE A 59 19.32 3.85 8.64
C PHE A 59 17.87 3.29 8.66
N ASP A 60 17.51 2.49 9.66
CA ASP A 60 16.36 1.59 9.43
C ASP A 60 14.95 2.29 9.29
N PHE A 61 14.74 3.46 9.93
CA PHE A 61 13.54 4.38 9.63
C PHE A 61 12.15 3.77 9.17
N PRO A 62 11.27 3.45 10.10
CA PRO A 62 9.93 2.92 9.80
C PRO A 62 8.83 4.05 9.61
N PHE A 63 9.01 4.83 8.54
CA PHE A 63 8.14 5.95 8.18
C PHE A 63 8.39 6.18 6.70
N ALA A 64 7.31 6.46 5.97
CA ALA A 64 7.43 7.07 4.66
C ALA A 64 7.80 8.49 5.00
N ALA A 65 8.50 9.15 4.09
CA ALA A 65 8.90 10.55 4.33
C ALA A 65 7.63 11.30 4.60
N MET A 66 7.76 12.28 5.49
CA MET A 66 6.60 12.96 6.00
C MET A 66 5.93 13.62 4.82
N GLY A 67 4.65 13.46 4.72
CA GLY A 67 3.97 14.09 3.62
C GLY A 67 3.97 13.37 2.28
N ALA A 68 5.01 12.50 2.00
CA ALA A 68 5.04 11.56 0.85
C ALA A 68 3.66 11.01 0.58
N ILE A 69 3.38 10.75 -0.67
CA ILE A 69 2.07 10.26 -1.04
C ILE A 69 2.32 9.03 -1.87
N HIS A 70 1.68 7.92 -1.46
CA HIS A 70 1.76 6.69 -2.21
C HIS A 70 0.80 6.81 -3.45
N THR A 71 1.36 6.70 -4.65
CA THR A 71 0.56 6.89 -5.84
C THR A 71 0.19 5.56 -6.51
N GLU A 72 1.07 4.55 -6.45
CA GLU A 72 0.91 3.30 -7.17
C GLU A 72 1.64 2.16 -6.52
N ASN A 73 1.07 0.97 -6.69
CA ASN A 73 1.66 -0.22 -6.15
C ASN A 73 1.33 -1.42 -6.99
N HIS A 74 2.37 -2.16 -7.39
CA HIS A 74 2.18 -3.35 -8.22
C HIS A 74 2.87 -4.50 -7.54
N ILE A 75 2.07 -5.50 -7.16
CA ILE A 75 2.60 -6.66 -6.44
C ILE A 75 2.43 -7.82 -7.39
N THR A 76 3.49 -8.57 -7.61
CA THR A 76 3.36 -9.83 -8.33
C THR A 76 3.76 -10.97 -7.40
N GLN A 77 2.79 -11.79 -6.97
CA GLN A 77 3.08 -12.94 -6.12
C GLN A 77 3.23 -14.19 -6.97
N TYR A 78 4.44 -14.79 -7.01
CA TYR A 78 4.69 -16.03 -7.77
C TYR A 78 4.28 -17.24 -6.96
N ARG A 79 4.49 -17.17 -5.66
CA ARG A 79 3.93 -18.14 -4.77
C ARG A 79 3.76 -17.56 -3.39
N PRO A 80 2.76 -18.03 -2.66
CA PRO A 80 2.49 -17.60 -1.30
C PRO A 80 3.65 -17.79 -0.37
N ILE A 81 3.76 -16.88 0.57
CA ILE A 81 4.81 -16.94 1.56
C ILE A 81 4.19 -17.44 2.87
N ALA A 82 4.81 -18.46 3.44
CA ALA A 82 4.32 -19.03 4.66
C ALA A 82 4.72 -18.13 5.83
N VAL A 83 3.83 -18.07 6.81
CA VAL A 83 4.11 -17.47 8.08
C VAL A 83 5.43 -18.08 8.66
N THR A 84 5.68 -19.35 8.35
CA THR A 84 6.86 -20.07 8.87
C THR A 84 8.13 -19.85 8.05
N ASP A 85 8.02 -19.20 6.88
CA ASP A 85 9.20 -18.84 6.09
C ASP A 85 10.04 -17.74 6.72
N ALA A 86 11.33 -17.79 6.47
CA ALA A 86 12.21 -16.62 6.64
C ALA A 86 12.44 -16.12 5.20
N VAL A 87 12.73 -14.82 5.00
CA VAL A 87 12.82 -14.28 3.62
C VAL A 87 14.08 -13.50 3.26
N GLY A 88 14.54 -13.65 2.01
CA GLY A 88 15.62 -12.80 1.50
C GLY A 88 14.95 -11.54 0.97
N VAL A 89 15.54 -10.39 1.21
CA VAL A 89 14.97 -9.14 0.73
C VAL A 89 16.03 -8.34 -0.02
N ARG A 90 15.68 -7.88 -1.20
CA ARG A 90 16.51 -6.93 -1.91
C ARG A 90 15.62 -5.81 -2.40
N VAL A 91 16.06 -4.57 -2.22
CA VAL A 91 15.31 -3.36 -2.61
C VAL A 91 16.14 -2.46 -3.50
N ARG A 92 15.53 -1.83 -4.49
CA ARG A 92 16.21 -0.72 -5.15
C ARG A 92 15.29 0.40 -5.59
N ALA A 93 15.91 1.57 -5.72
CA ALA A 93 15.29 2.82 -6.06
C ALA A 93 15.67 3.28 -7.44
N GLU A 94 14.73 3.77 -8.23
CA GLU A 94 15.00 4.04 -9.61
C GLU A 94 13.88 4.91 -10.16
N ASN A 95 14.12 5.43 -11.36
CA ASN A 95 13.11 6.07 -12.15
C ASN A 95 12.60 7.34 -11.48
N LEU A 96 13.53 8.16 -10.98
CA LEU A 96 13.16 9.51 -10.54
C LEU A 96 12.56 10.24 -11.68
N ARG A 97 11.38 10.78 -11.47
CA ARG A 97 10.88 11.72 -12.46
C ARG A 97 9.93 12.73 -11.83
N GLU A 98 9.75 13.80 -12.60
CA GLU A 98 9.05 14.97 -12.18
C GLU A 98 7.58 14.77 -12.35
N HIS A 99 6.82 15.38 -11.48
CA HIS A 99 5.38 15.34 -11.52
C HIS A 99 5.00 16.79 -11.12
N ARG A 100 3.78 17.17 -11.37
CA ARG A 100 3.29 18.49 -11.06
C ARG A 100 3.41 18.87 -9.54
N ARG A 101 3.36 17.85 -8.68
CA ARG A 101 3.24 18.02 -7.27
C ARG A 101 4.44 17.45 -6.57
N GLY A 102 5.39 16.95 -7.34
CA GLY A 102 6.68 16.56 -6.79
C GLY A 102 7.47 15.60 -7.64
N LEU A 103 8.26 14.77 -6.97
CA LEU A 103 9.19 13.87 -7.58
C LEU A 103 8.75 12.43 -7.21
N LEU A 104 8.51 11.64 -8.25
CA LEU A 104 8.14 10.26 -8.10
C LEU A 104 9.44 9.47 -8.16
N VAL A 105 9.47 8.42 -7.36
CA VAL A 105 10.53 7.42 -7.43
C VAL A 105 9.91 6.04 -7.27
N ASP A 106 10.49 5.06 -7.94
CA ASP A 106 10.06 3.70 -7.79
C ASP A 106 10.95 2.93 -6.84
N LEU A 107 10.31 2.19 -5.92
CA LEU A 107 11.03 1.34 -4.93
C LEU A 107 10.68 -0.10 -5.22
N VAL A 108 11.68 -0.87 -5.67
CA VAL A 108 11.43 -2.15 -6.32
C VAL A 108 11.97 -3.17 -5.33
N THR A 109 11.09 -4.05 -4.85
CA THR A 109 11.44 -5.02 -3.84
C THR A 109 11.22 -6.47 -4.32
N ASN A 110 12.25 -7.28 -4.05
CA ASN A 110 12.28 -8.71 -4.33
C ASN A 110 12.40 -9.47 -3.01
N VAL A 111 11.37 -10.27 -2.73
CA VAL A 111 11.29 -11.09 -1.53
C VAL A 111 11.44 -12.57 -1.90
N SER A 112 12.50 -13.20 -1.41
CA SER A 112 12.83 -14.58 -1.78
C SER A 112 12.66 -15.54 -0.63
N VAL A 113 12.30 -16.75 -1.00
CA VAL A 113 12.33 -17.94 -0.18
C VAL A 113 13.18 -18.98 -0.91
N GLY A 114 14.23 -19.44 -0.24
CA GLY A 114 15.33 -20.13 -0.90
C GLY A 114 16.01 -19.18 -1.84
N ASN A 115 16.36 -19.64 -3.02
CA ASN A 115 16.89 -18.71 -4.01
C ASN A 115 15.87 -18.28 -5.04
N ASP A 116 14.63 -18.69 -4.87
CA ASP A 116 13.58 -18.24 -5.76
C ASP A 116 12.84 -17.00 -5.26
N VAL A 117 12.34 -16.19 -6.20
CA VAL A 117 11.54 -15.01 -5.89
C VAL A 117 10.06 -15.40 -5.75
N ALA A 118 9.52 -15.23 -4.56
CA ALA A 118 8.14 -15.54 -4.30
C ALA A 118 7.25 -14.35 -4.54
N TRP A 119 7.78 -13.15 -4.34
CA TRP A 119 6.94 -11.95 -4.26
C TRP A 119 7.77 -10.72 -4.66
N HIS A 120 7.20 -9.94 -5.57
CA HIS A 120 7.87 -8.81 -6.19
C HIS A 120 6.96 -7.58 -6.08
N GLN A 121 7.56 -6.42 -5.79
CA GLN A 121 6.78 -5.20 -5.72
C GLN A 121 7.45 -3.94 -6.33
N VAL A 122 6.63 -3.13 -7.02
CA VAL A 122 6.95 -1.78 -7.45
C VAL A 122 5.97 -0.82 -6.73
N THR A 123 6.57 0.02 -5.90
CA THR A 123 5.88 0.97 -5.11
C THR A 123 6.38 2.30 -5.64
N THR A 124 5.46 3.20 -5.90
CA THR A 124 5.82 4.49 -6.33
C THR A 124 5.32 5.46 -5.30
N PHE A 125 6.26 6.21 -4.75
CA PHE A 125 5.97 7.33 -3.87
C PHE A 125 6.23 8.67 -4.59
N LEU A 126 5.34 9.61 -4.32
CA LEU A 126 5.45 11.03 -4.70
C LEU A 126 5.96 11.78 -3.46
N HIS A 127 7.16 12.33 -3.60
CA HIS A 127 7.72 13.20 -2.59
C HIS A 127 7.43 14.63 -2.94
N GLN A 128 6.53 15.23 -2.19
CA GLN A 128 6.06 16.56 -2.55
C GLN A 128 7.17 17.61 -2.55
N GLN A 129 7.01 18.54 -3.48
CA GLN A 129 7.93 19.68 -3.74
C GLN A 129 7.53 20.32 -5.06
N ARG A 130 7.95 21.56 -5.27
CA ARG A 130 7.77 22.22 -6.60
C ARG A 130 8.70 21.59 -7.61
N THR A 131 8.21 21.40 -8.83
CA THR A 131 9.06 21.00 -9.96
C THR A 131 8.79 21.94 -11.15
N SER A 132 9.58 21.79 -12.22
CA SER A 132 9.31 22.48 -13.48
C SER A 132 7.98 22.11 -14.14
N LEU A 133 7.19 21.19 -13.58
CA LEU A 133 5.89 20.82 -14.13
C LEU A 133 4.78 21.43 -13.28
N SER A 134 5.15 22.19 -12.24
CA SER A 134 4.17 22.66 -11.27
C SER A 134 3.28 23.79 -11.81
N GLY A 135 3.83 24.58 -12.74
CA GLY A 135 3.00 25.50 -13.54
C GLY A 135 2.45 24.58 -14.63
N GLU A 136 1.16 24.27 -14.55
CA GLU A 136 0.54 23.27 -15.38
C GLU A 136 -0.64 22.74 -14.65
N PRO A 137 -1.76 22.61 -15.38
CA PRO A 137 -3.05 22.53 -14.71
C PRO A 137 -3.35 21.19 -14.12
N LYS A 138 -4.23 21.21 -13.14
CA LYS A 138 -4.67 20.03 -12.42
C LYS A 138 -5.44 19.10 -13.38
N PRO A 139 -4.94 17.88 -13.65
CA PRO A 139 -5.84 17.06 -14.47
C PRO A 139 -7.24 17.05 -13.87
N PRO A 140 -8.24 16.68 -14.66
CA PRO A 140 -9.51 16.33 -14.00
C PRO A 140 -9.43 14.88 -13.57
N PRO A 141 -10.44 14.37 -12.84
CA PRO A 141 -10.60 12.93 -12.57
C PRO A 141 -10.78 12.13 -13.84
N GLN A 142 -11.06 10.84 -13.66
CA GLN A 142 -11.43 9.94 -14.77
C GLN A 142 -12.75 9.18 -14.41
N LYS A 143 -13.63 9.88 -13.70
CA LYS A 143 -14.84 9.32 -13.11
C LYS A 143 -15.92 8.98 -14.12
N PRO A 148 -24.28 4.44 -7.46
CA PRO A 148 -25.12 3.23 -7.25
C PRO A 148 -24.70 2.55 -5.93
N PRO A 149 -25.40 1.47 -5.51
CA PRO A 149 -25.05 0.81 -4.26
C PRO A 149 -23.82 -0.08 -4.40
N PRO A 150 -22.90 -0.02 -3.43
CA PRO A 150 -21.64 -0.76 -3.46
C PRO A 150 -21.72 -2.15 -2.91
N ALA A 151 -20.73 -2.99 -3.23
CA ALA A 151 -20.60 -4.34 -2.69
C ALA A 151 -20.29 -4.34 -1.20
N ALA A 152 -19.53 -3.34 -0.75
CA ALA A 152 -19.21 -3.22 0.66
C ALA A 152 -18.87 -1.78 0.96
N VAL A 153 -18.87 -1.49 2.24
CA VAL A 153 -18.58 -0.17 2.73
C VAL A 153 -17.47 -0.25 3.77
N LEU A 154 -16.38 0.43 3.49
CA LEU A 154 -15.26 0.55 4.43
C LEU A 154 -15.50 1.76 5.31
N ARG A 155 -15.40 1.61 6.64
CA ARG A 155 -15.42 2.75 7.57
C ARG A 155 -14.10 2.81 8.31
N ILE A 156 -13.46 3.96 8.25
CA ILE A 156 -12.07 4.05 8.63
C ILE A 156 -11.92 5.23 9.56
N THR A 157 -11.56 4.94 10.80
CA THR A 157 -11.39 5.93 11.85
C THR A 157 -9.90 6.32 12.05
N PRO A 158 -9.67 7.52 12.59
CA PRO A 158 -8.33 7.83 13.06
C PRO A 158 -7.74 6.70 13.91
N ALA A 159 -8.53 6.11 14.80
CA ALA A 159 -7.98 5.11 15.70
C ALA A 159 -7.58 3.80 14.97
N LYS A 160 -8.38 3.31 14.03
CA LYS A 160 -7.96 2.17 13.18
C LYS A 160 -6.58 2.44 12.48
N ILE A 161 -6.37 3.70 12.06
CA ILE A 161 -5.15 4.07 11.33
C ILE A 161 -3.96 4.33 12.27
N ARG A 162 -4.19 4.79 13.51
CA ARG A 162 -3.14 4.70 14.56
C ARG A 162 -2.78 3.23 14.76
N ARG A 163 -3.76 2.33 14.81
CA ARG A 163 -3.42 0.90 14.98
C ARG A 163 -2.65 0.33 13.78
N TYR A 164 -3.09 0.67 12.58
CA TYR A 164 -2.41 0.25 11.34
C TYR A 164 -0.93 0.72 11.32
N ALA A 165 -0.68 1.92 11.83
CA ALA A 165 0.71 2.43 11.86
C ALA A 165 1.62 1.50 12.63
N ALA A 166 1.20 1.13 13.84
CA ALA A 166 1.94 0.17 14.70
C ALA A 166 2.24 -1.20 14.02
N VAL A 167 1.36 -1.62 13.14
CA VAL A 167 1.45 -2.94 12.59
C VAL A 167 2.10 -3.00 11.21
N GLY A 168 2.01 -1.95 10.37
CA GLY A 168 2.37 -1.99 8.96
C GLY A 168 3.67 -1.28 8.46
N GLY A 169 4.59 -1.10 9.40
CA GLY A 169 5.92 -0.57 9.06
C GLY A 169 6.07 0.89 8.57
N ASP A 170 5.03 1.73 8.80
CA ASP A 170 5.05 3.12 8.30
C ASP A 170 4.32 3.99 9.31
N HIS A 171 5.09 4.74 10.12
CA HIS A 171 4.56 5.72 11.09
C HIS A 171 4.55 7.19 10.58
N ASN A 172 4.61 7.44 9.28
CA ASN A 172 4.53 8.79 8.71
C ASN A 172 3.35 9.49 9.38
N PRO A 173 3.66 10.54 10.18
CA PRO A 173 2.67 11.20 11.06
C PRO A 173 1.55 11.98 10.38
N ILE A 174 1.55 12.06 9.04
CA ILE A 174 0.37 12.66 8.37
C ILE A 174 -0.86 11.75 8.49
N HIS A 175 -0.69 10.49 8.84
CA HIS A 175 -1.83 9.57 9.13
C HIS A 175 -2.32 9.59 10.56
N THR A 176 -1.55 10.18 11.49
CA THR A 176 -1.88 10.14 12.94
C THR A 176 -1.91 11.50 13.68
N ASN A 177 -1.19 12.51 13.19
CA ASN A 177 -1.16 13.79 13.84
C ASN A 177 -1.61 14.91 12.93
N PRO A 178 -2.71 15.61 13.29
CA PRO A 178 -3.28 16.58 12.35
C PRO A 178 -2.36 17.71 11.98
N ILE A 179 -1.46 18.09 12.87
CA ILE A 179 -0.51 19.15 12.60
C ILE A 179 0.38 18.70 11.44
N ALA A 180 1.04 17.55 11.57
CA ALA A 180 1.82 16.97 10.45
C ALA A 180 1.04 16.92 9.11
N ALA A 181 -0.23 16.49 9.15
CA ALA A 181 -1.04 16.40 7.97
C ALA A 181 -1.17 17.80 7.34
N LYS A 182 -1.48 18.78 8.19
CA LYS A 182 -1.73 20.13 7.74
C LYS A 182 -0.47 20.75 7.13
N LEU A 183 0.70 20.50 7.71
CA LEU A 183 1.97 20.98 7.17
C LEU A 183 2.24 20.49 5.76
N PHE A 184 1.62 19.36 5.37
CA PHE A 184 1.82 18.79 4.07
C PHE A 184 0.60 18.83 3.17
N GLY A 185 -0.30 19.76 3.47
CA GLY A 185 -1.40 20.12 2.55
C GLY A 185 -2.70 19.39 2.79
N PHE A 186 -2.85 18.65 3.90
CA PHE A 186 -4.06 17.87 4.11
C PHE A 186 -4.86 18.45 5.22
N PRO A 187 -6.18 18.53 5.06
CA PRO A 187 -7.00 19.17 6.10
C PRO A 187 -7.27 18.33 7.32
N THR A 188 -7.10 17.01 7.24
CA THR A 188 -7.11 16.16 8.42
C THR A 188 -6.07 15.09 8.19
N VAL A 189 -5.91 14.22 9.18
CA VAL A 189 -5.08 13.00 9.04
C VAL A 189 -5.67 12.12 7.95
N ILE A 190 -4.84 11.33 7.26
CA ILE A 190 -5.32 10.54 6.13
C ILE A 190 -4.90 9.08 6.32
N ALA A 191 -5.65 8.13 5.76
CA ALA A 191 -5.29 6.72 5.79
C ALA A 191 -4.05 6.49 4.95
N HIS A 192 -3.23 5.55 5.37
CA HIS A 192 -2.16 5.02 4.49
C HIS A 192 -2.75 4.36 3.26
N GLY A 193 -2.09 4.52 2.11
CA GLY A 193 -2.54 3.87 0.90
C GLY A 193 -2.61 2.38 1.07
N MET A 194 -1.62 1.79 1.76
CA MET A 194 -1.59 0.33 1.82
C MET A 194 -2.56 -0.20 2.89
N PHE A 195 -3.09 0.65 3.78
CA PHE A 195 -4.20 0.18 4.62
C PHE A 195 -5.36 -0.18 3.72
N THR A 196 -5.72 0.77 2.88
CA THR A 196 -6.87 0.64 2.03
C THR A 196 -6.62 -0.45 1.00
N ALA A 197 -5.38 -0.59 0.50
CA ALA A 197 -5.11 -1.61 -0.51
C ALA A 197 -5.30 -2.97 0.09
N ALA A 198 -5.00 -3.12 1.38
CA ALA A 198 -5.18 -4.37 2.03
C ALA A 198 -6.66 -4.55 2.33
N ALA A 199 -7.31 -3.55 2.95
CA ALA A 199 -8.72 -3.67 3.43
C ALA A 199 -9.72 -4.09 2.33
N VAL A 200 -9.50 -3.64 1.08
CA VAL A 200 -10.41 -3.99 -0.06
C VAL A 200 -10.39 -5.47 -0.49
N LEU A 201 -9.41 -6.24 0.03
CA LEU A 201 -9.24 -7.63 -0.38
C LEU A 201 -10.09 -8.56 0.48
N ALA A 202 -10.79 -8.06 1.48
CA ALA A 202 -11.46 -8.91 2.47
C ALA A 202 -12.48 -9.81 1.81
N ASN A 203 -12.51 -11.07 2.24
CA ASN A 203 -13.43 -12.07 1.69
C ASN A 203 -13.00 -12.51 0.27
N ILE A 204 -13.10 -11.59 -0.72
CA ILE A 204 -12.51 -11.75 -2.11
C ILE A 204 -11.17 -12.53 -2.18
N GLU A 205 -10.28 -12.27 -1.23
CA GLU A 205 -8.98 -12.92 -1.12
C GLU A 205 -9.05 -14.45 -0.99
N ALA A 206 -10.15 -14.97 -0.46
CA ALA A 206 -10.31 -16.41 -0.32
C ALA A 206 -10.25 -17.14 -1.68
N ARG A 207 -10.66 -16.44 -2.74
CA ARG A 207 -10.75 -17.01 -4.06
C ARG A 207 -9.51 -16.73 -4.92
N PHE A 208 -8.54 -15.97 -4.41
CA PHE A 208 -7.33 -15.67 -5.24
C PHE A 208 -6.57 -16.93 -5.57
N PRO A 209 -6.01 -17.02 -6.79
CA PRO A 209 -5.04 -18.08 -7.00
C PRO A 209 -3.74 -17.72 -6.30
N ASP A 210 -2.85 -18.70 -6.23
CA ASP A 210 -1.58 -18.59 -5.53
C ASP A 210 -0.58 -17.73 -6.29
N ALA A 211 -0.67 -17.73 -7.61
CA ALA A 211 0.13 -16.85 -8.41
C ALA A 211 -0.78 -15.72 -8.86
N VAL A 212 -0.53 -14.49 -8.41
CA VAL A 212 -1.45 -13.40 -8.70
C VAL A 212 -0.77 -12.05 -8.73
N ARG A 213 -1.30 -11.14 -9.55
CA ARG A 213 -0.79 -9.75 -9.65
C ARG A 213 -1.88 -8.79 -9.15
N TYR A 214 -1.47 -7.83 -8.32
CA TYR A 214 -2.36 -6.83 -7.73
C TYR A 214 -1.80 -5.43 -8.02
N SER A 215 -2.49 -4.68 -8.87
CA SER A 215 -2.14 -3.32 -9.29
C SER A 215 -3.11 -2.30 -8.78
N VAL A 216 -2.58 -1.35 -8.04
CA VAL A 216 -3.36 -0.34 -7.40
C VAL A 216 -2.88 1.02 -7.87
N ARG A 217 -3.84 1.84 -8.20
CA ARG A 217 -3.62 3.24 -8.50
C ARG A 217 -4.32 4.07 -7.40
N PHE A 218 -3.59 4.94 -6.69
CA PHE A 218 -4.23 5.81 -5.65
C PHE A 218 -4.57 7.23 -6.15
N ALA A 219 -5.72 7.75 -5.77
CA ALA A 219 -6.16 9.07 -6.27
C ALA A 219 -6.52 9.96 -5.09
N LYS A 220 -7.78 10.13 -4.79
CA LYS A 220 -8.17 11.09 -3.69
C LYS A 220 -7.77 10.50 -2.35
N PRO A 221 -7.09 11.30 -1.52
CA PRO A 221 -6.67 10.88 -0.20
C PRO A 221 -7.86 10.51 0.66
N VAL A 222 -7.68 9.57 1.56
CA VAL A 222 -8.78 9.07 2.32
C VAL A 222 -8.75 9.84 3.61
N LEU A 223 -9.54 10.94 3.65
CA LEU A 223 -9.59 11.82 4.82
C LEU A 223 -10.38 11.16 5.87
N LEU A 224 -9.90 11.21 7.11
CA LEU A 224 -10.51 10.40 8.20
C LEU A 224 -11.33 11.33 9.11
N PRO A 225 -12.43 10.82 9.71
CA PRO A 225 -13.04 9.49 9.46
C PRO A 225 -13.60 9.38 8.03
N ALA A 226 -13.52 8.20 7.45
CA ALA A 226 -13.97 8.00 6.08
C ALA A 226 -15.01 6.89 6.06
N THR A 227 -16.07 7.16 5.30
CA THR A 227 -16.99 6.12 4.92
C THR A 227 -16.88 5.98 3.42
N ALA A 228 -16.49 4.80 2.94
CA ALA A 228 -16.17 4.68 1.53
C ALA A 228 -16.75 3.40 0.89
N GLY A 229 -17.37 3.60 -0.28
CA GLY A 229 -18.12 2.53 -0.97
C GLY A 229 -17.13 1.76 -1.82
N LEU A 230 -17.16 0.43 -1.69
CA LEU A 230 -16.29 -0.43 -2.50
C LEU A 230 -17.09 -1.20 -3.57
N TYR A 231 -16.65 -1.04 -4.81
CA TYR A 231 -17.19 -1.74 -5.97
C TYR A 231 -16.24 -2.82 -6.49
N VAL A 232 -16.81 -3.98 -6.72
CA VAL A 232 -16.08 -5.18 -7.13
C VAL A 232 -16.81 -5.85 -8.30
N ALA A 233 -16.11 -5.98 -9.43
CA ALA A 233 -16.62 -6.70 -10.59
C ALA A 233 -15.73 -7.89 -10.69
N GLU A 234 -16.34 -9.08 -10.62
CA GLU A 234 -15.63 -10.34 -10.76
C GLU A 234 -15.74 -10.78 -12.19
N GLY A 235 -14.67 -11.39 -12.68
CA GLY A 235 -14.57 -11.78 -14.07
C GLY A 235 -13.77 -13.05 -14.20
N ASP A 236 -13.64 -13.51 -15.43
CA ASP A 236 -12.86 -14.70 -15.77
C ASP A 236 -11.42 -14.43 -15.39
N GLY A 237 -10.88 -13.30 -15.84
CA GLY A 237 -9.52 -12.87 -15.48
C GLY A 237 -9.21 -12.64 -14.00
N GLY A 238 -10.23 -12.19 -13.25
CA GLY A 238 -10.07 -11.88 -11.82
C GLY A 238 -10.99 -10.77 -11.34
N TRP A 239 -10.43 -9.68 -10.82
CA TRP A 239 -11.25 -8.70 -10.15
C TRP A 239 -10.83 -7.29 -10.49
N ASP A 240 -11.82 -6.44 -10.69
CA ASP A 240 -11.62 -4.99 -10.84
C ASP A 240 -12.25 -4.34 -9.62
N LEU A 241 -11.47 -3.50 -8.94
CA LEU A 241 -11.87 -2.85 -7.68
C LEU A 241 -11.82 -1.34 -7.82
N THR A 242 -12.84 -0.67 -7.27
CA THR A 242 -12.84 0.77 -7.10
C THR A 242 -13.42 1.13 -5.75
N LEU A 243 -12.66 1.89 -4.99
CA LEU A 243 -13.10 2.43 -3.73
C LEU A 243 -13.32 3.92 -3.89
N ARG A 244 -14.51 4.42 -3.57
CA ARG A 244 -14.79 5.89 -3.70
C ARG A 244 -15.54 6.49 -2.51
N ASN A 245 -15.67 7.82 -2.46
CA ASN A 245 -16.28 8.52 -1.28
C ASN A 245 -17.72 9.01 -1.33
N MET A 246 -18.47 8.72 -2.41
CA MET A 246 -19.76 9.44 -2.60
C MET A 246 -19.74 10.80 -1.92
N LYS A 248 -18.64 13.09 -3.41
CA LYS A 248 -18.42 13.38 -4.81
C LYS A 248 -18.74 12.14 -5.58
N GLY A 249 -18.05 11.05 -5.23
CA GLY A 249 -18.10 9.77 -5.98
C GLY A 249 -16.82 9.51 -6.79
N TYR A 250 -15.77 10.29 -6.54
CA TYR A 250 -14.45 10.05 -7.15
C TYR A 250 -13.63 9.05 -6.39
N PRO A 251 -12.60 8.57 -7.08
CA PRO A 251 -11.94 7.37 -6.63
C PRO A 251 -10.88 7.71 -5.59
N HIS A 252 -10.88 6.95 -4.49
CA HIS A 252 -9.69 6.81 -3.64
C HIS A 252 -8.63 5.87 -4.22
N LEU A 253 -9.09 4.78 -4.83
CA LEU A 253 -8.22 3.87 -5.59
C LEU A 253 -9.00 3.08 -6.65
N THR A 254 -8.29 2.60 -7.65
CA THR A 254 -8.84 1.68 -8.61
C THR A 254 -7.78 0.60 -8.74
N ALA A 255 -8.20 -0.62 -8.97
CA ALA A 255 -7.27 -1.71 -8.90
C ALA A 255 -7.69 -2.95 -9.62
N THR A 256 -6.73 -3.82 -9.87
CA THR A 256 -7.03 -5.07 -10.51
C THR A 256 -6.26 -6.14 -9.83
N VAL A 257 -6.94 -7.29 -9.73
CA VAL A 257 -6.37 -8.57 -9.37
C VAL A 257 -6.52 -9.50 -10.60
N ARG A 258 -5.42 -10.14 -11.01
CA ARG A 258 -5.42 -11.08 -12.12
C ARG A 258 -4.56 -12.27 -11.74
N GLY A 259 -5.08 -13.47 -11.99
CA GLY A 259 -4.30 -14.69 -11.89
C GLY A 259 -3.16 -14.59 -12.87
N LEU A 260 -1.98 -14.99 -12.48
CA LEU A 260 -0.84 -14.96 -13.42
C LEU A 260 -0.94 -15.99 -14.54
CL CL B . 0.55 6.33 2.21
#